data_6TKL
#
_entry.id   6TKL
#
_cell.length_a   46.928
_cell.length_b   81.309
_cell.length_c   86.284
_cell.angle_alpha   90.000
_cell.angle_beta   90.000
_cell.angle_gamma   90.000
#
_symmetry.space_group_name_H-M   'P 21 21 21'
#
loop_
_entity.id
_entity.type
_entity.pdbx_description
1 polymer Prothrombin
2 polymer Prothrombin
3 polymer 'Tsetse thrombin inhibitor'
4 non-polymer 2-acetamido-2-deoxy-beta-D-glucopyranose
5 non-polymer 'SODIUM ION'
6 non-polymer GLYCEROL
7 water water
#
loop_
_entity_poly.entity_id
_entity_poly.type
_entity_poly.pdbx_seq_one_letter_code
_entity_poly.pdbx_strand_id
1 'polypeptide(L)' TFGSGEADCGLRPLFEKKSLEDKTERELLESYIDGR L
2 'polypeptide(L)'
;IVEGSDAEIGMSPWQVMLFRKSPQELLCGASLISDRWVLTAAHCLLYPPWDKNFTENDLLVRIGKHSRTRYERNIEKISM
LEKIYIHPRYNWRENLDRDIALMKLKKPVAFSDYIHPVCLPDRETAASLLQAGYKGRVTGWGNLKETWTANVGKGQPSVL
QVVNLPIVERPVCKDSTRIRITDNMFCAGYKPDEGKRGDACEGDSGGPFVMKSPFNNRWYQMGIVSWGEGCDRDGKYGFY
THVFRLKKWIQKVIDQFGE
;
H
3 'polypeptide(L)' MKFFTVLFFLLSIIYLIVAAPGEPGAPID(TYS)DE(TYS)GDSSEEVGGTPLHEIPGIR(MLE) I
#
loop_
_chem_comp.id
_chem_comp.type
_chem_comp.name
_chem_comp.formula
GOL non-polymer GLYCEROL 'C3 H8 O3'
NA non-polymer 'SODIUM ION' 'Na 1'
NAG D-saccharide, beta linking 2-acetamido-2-deoxy-beta-D-glucopyranose 'C8 H15 N O6'
#
# COMPACT_ATOMS: atom_id res chain seq x y z
N THR A 1 -1.53 11.50 -21.45
CA THR A 1 -0.52 10.92 -20.56
C THR A 1 -0.95 11.03 -19.11
N PHE A 2 -0.53 10.05 -18.30
CA PHE A 2 -0.91 10.03 -16.88
C PHE A 2 -0.19 11.14 -16.12
N GLY A 3 1.12 11.24 -16.28
CA GLY A 3 1.88 12.34 -15.71
C GLY A 3 1.77 12.38 -14.20
N SER A 4 1.26 13.48 -13.67
CA SER A 4 1.06 13.64 -12.24
C SER A 4 -0.20 12.98 -11.73
N GLY A 5 -1.03 12.44 -12.62
CA GLY A 5 -2.26 11.79 -12.21
C GLY A 5 -3.46 12.74 -12.26
N GLU A 6 -4.47 12.39 -11.46
CA GLU A 6 -5.67 13.20 -11.33
C GLU A 6 -5.32 14.59 -10.82
N ALA A 7 -5.86 15.62 -11.47
CA ALA A 7 -5.68 16.97 -10.96
C ALA A 7 -6.13 17.08 -9.50
N ASP A 8 -7.12 16.28 -9.10
CA ASP A 8 -7.73 16.35 -7.78
C ASP A 8 -7.19 15.28 -6.82
N CYS A 9 -6.18 14.53 -7.20
CA CYS A 9 -5.77 13.38 -6.41
C CYS A 9 -5.35 13.79 -5.00
N GLY A 10 -5.54 12.85 -4.07
CA GLY A 10 -4.99 13.01 -2.74
C GLY A 10 -5.65 14.02 -1.83
N LEU A 11 -6.79 14.62 -2.25
CA LEU A 11 -7.55 15.55 -1.43
C LEU A 11 -8.87 14.87 -1.08
N ARG A 12 -9.06 14.54 0.19
CA ARG A 12 -10.22 13.72 0.55
C ARG A 12 -11.48 14.58 0.67
N PRO A 13 -12.58 14.18 0.04
CA PRO A 13 -13.85 14.91 0.22
C PRO A 13 -14.25 15.19 1.65
N LEU A 14 -14.04 14.27 2.59
CA LEU A 14 -14.53 14.47 3.94
C LEU A 14 -13.53 15.10 4.88
N PHE A 15 -12.32 15.38 4.38
CA PHE A 15 -11.26 15.96 5.20
C PHE A 15 -10.72 17.22 4.54
N GLU A 16 -9.71 17.11 3.67
CA GLU A 16 -9.09 18.29 3.09
C GLU A 16 -10.12 19.21 2.42
N LYS A 17 -11.11 18.63 1.73
CA LYS A 17 -12.03 19.48 0.97
C LYS A 17 -12.99 20.23 1.88
N LYS A 18 -13.14 19.78 3.12
CA LYS A 18 -13.95 20.47 4.12
C LYS A 18 -13.09 21.20 5.15
N SER A 19 -11.77 21.26 4.94
CA SER A 19 -10.87 21.88 5.91
C SER A 19 -10.97 21.21 7.28
N LEU A 20 -11.08 19.88 7.30
CA LEU A 20 -11.19 19.11 8.54
C LEU A 20 -10.02 18.15 8.60
N GLU A 21 -9.39 18.04 9.77
CA GLU A 21 -8.30 17.11 9.99
C GLU A 21 -8.84 15.79 10.51
N ASP A 22 -8.19 14.69 10.09
CA ASP A 22 -8.48 13.42 10.72
C ASP A 22 -7.72 13.31 12.04
N LYS A 23 -8.03 12.24 12.79
CA LYS A 23 -7.64 12.14 14.20
C LYS A 23 -6.15 11.93 14.39
N THR A 24 -5.42 11.47 13.39
CA THR A 24 -4.00 11.23 13.60
C THR A 24 -3.07 11.83 12.56
N GLU A 25 -3.58 12.57 11.58
CA GLU A 25 -2.69 13.11 10.57
C GLU A 25 -1.67 14.08 11.16
N ARG A 26 -2.01 14.70 12.30
CA ARG A 26 -1.05 15.57 12.98
C ARG A 26 0.24 14.83 13.34
N GLU A 27 0.12 13.55 13.73
CA GLU A 27 1.30 12.76 14.06
C GLU A 27 2.23 12.66 12.86
N LEU A 28 1.66 12.52 11.65
CA LEU A 28 2.49 12.48 10.45
C LEU A 28 3.23 13.79 10.26
N LEU A 29 2.47 14.89 10.27
CA LEU A 29 3.07 16.21 10.08
C LEU A 29 4.18 16.45 11.10
N GLU A 30 3.93 16.16 12.38
CA GLU A 30 4.99 16.40 13.36
C GLU A 30 6.25 15.60 13.07
N SER A 31 6.12 14.40 12.54
CA SER A 31 7.30 13.60 12.22
C SER A 31 8.08 14.17 11.03
N TYR A 32 7.47 15.06 10.25
CA TYR A 32 8.13 15.68 9.11
C TYR A 32 8.85 16.97 9.49
N ILE A 33 8.82 17.35 10.75
CA ILE A 33 9.54 18.53 11.22
C ILE A 33 10.83 18.03 11.87
N ASP A 34 11.97 18.53 11.39
CA ASP A 34 13.26 18.00 11.83
C ASP A 34 13.62 18.47 13.25
N GLY A 35 14.54 17.73 13.86
CA GLY A 35 15.13 18.12 15.12
C GLY A 35 16.30 19.07 14.96
N ARG A 36 17.06 19.24 16.05
CA ARG A 36 18.20 20.16 16.08
C ARG A 36 19.52 19.46 16.37
N ILE B 1 -3.93 -5.40 10.21
CA ILE B 1 -3.15 -4.35 10.89
C ILE B 1 -3.05 -4.67 12.37
N VAL B 2 -1.84 -4.73 12.92
CA VAL B 2 -1.65 -5.01 14.35
C VAL B 2 -1.40 -3.68 15.06
N GLU B 3 -2.09 -3.48 16.19
CA GLU B 3 -1.87 -2.32 17.06
C GLU B 3 -2.23 -1.01 16.37
N GLY B 4 -3.19 -1.07 15.44
CA GLY B 4 -3.77 0.12 14.85
C GLY B 4 -5.09 0.50 15.51
N SER B 5 -5.88 1.26 14.78
CA SER B 5 -7.20 1.62 15.26
C SER B 5 -8.18 1.62 14.10
N ASP B 6 -9.47 1.75 14.41
CA ASP B 6 -10.43 1.85 13.33
C ASP B 6 -10.16 3.11 12.52
N ALA B 7 -10.22 2.98 11.20
CA ALA B 7 -10.22 4.16 10.35
C ALA B 7 -11.48 4.98 10.58
N GLU B 8 -11.38 6.29 10.36
CA GLU B 8 -12.56 7.15 10.36
C GLU B 8 -13.27 7.00 9.02
N ILE B 9 -14.59 7.23 9.00
CA ILE B 9 -15.29 7.25 7.72
C ILE B 9 -14.63 8.24 6.77
N GLY B 10 -14.34 7.78 5.56
CA GLY B 10 -13.78 8.64 4.51
C GLY B 10 -12.30 8.92 4.65
N MET B 11 -11.62 8.24 5.58
CA MET B 11 -10.24 8.58 5.89
C MET B 11 -9.29 8.12 4.79
N SER B 12 -9.66 7.06 4.08
N SER B 12 -9.60 7.02 4.12
CA SER B 12 -8.79 6.43 3.08
CA SER B 12 -8.75 6.45 3.06
C SER B 12 -9.62 6.09 1.84
C SER B 12 -9.64 6.10 1.88
N PRO B 13 -10.10 7.11 1.12
CA PRO B 13 -11.09 6.84 0.07
C PRO B 13 -10.48 6.20 -1.17
N TRP B 14 -9.15 6.05 -1.21
CA TRP B 14 -8.50 5.28 -2.26
C TRP B 14 -8.33 3.81 -1.90
N GLN B 15 -8.75 3.40 -0.71
CA GLN B 15 -8.58 2.01 -0.31
C GLN B 15 -9.46 1.10 -1.18
N VAL B 16 -8.86 0.01 -1.67
CA VAL B 16 -9.58 -0.96 -2.47
C VAL B 16 -9.44 -2.31 -1.80
N MET B 17 -10.53 -3.07 -1.81
CA MET B 17 -10.53 -4.46 -1.36
C MET B 17 -10.49 -5.37 -2.58
N LEU B 18 -9.50 -6.25 -2.65
N LEU B 18 -9.49 -6.26 -2.63
CA LEU B 18 -9.47 -7.29 -3.67
CA LEU B 18 -9.41 -7.31 -3.64
C LEU B 18 -10.08 -8.55 -3.06
C LEU B 18 -10.07 -8.56 -3.06
N PHE B 19 -11.16 -9.01 -3.68
CA PHE B 19 -12.04 -10.01 -3.10
C PHE B 19 -12.01 -11.21 -4.02
N ARG B 20 -11.71 -12.37 -3.47
CA ARG B 20 -11.78 -13.62 -4.22
C ARG B 20 -13.22 -14.11 -4.22
N LYS B 21 -13.73 -14.50 -5.38
CA LYS B 21 -15.16 -14.81 -5.38
C LYS B 21 -15.47 -16.20 -4.86
N SER B 22 -14.55 -17.15 -5.04
CA SER B 22 -14.77 -18.54 -4.64
C SER B 22 -13.43 -19.18 -4.32
N PRO B 23 -13.14 -19.43 -3.02
CA PRO B 23 -14.02 -19.08 -1.90
C PRO B 23 -14.14 -17.58 -1.63
N GLN B 24 -15.25 -17.17 -1.04
CA GLN B 24 -15.56 -15.77 -0.75
C GLN B 24 -14.66 -15.29 0.40
N GLU B 25 -13.58 -14.60 0.07
CA GLU B 25 -12.63 -14.18 1.09
C GLU B 25 -11.83 -12.97 0.61
N LEU B 26 -11.47 -12.12 1.57
CA LEU B 26 -10.52 -11.04 1.30
C LEU B 26 -9.22 -11.67 0.81
N LEU B 27 -8.73 -11.19 -0.33
CA LEU B 27 -7.41 -11.59 -0.83
C LEU B 27 -6.32 -10.63 -0.37
N CYS B 28 -6.53 -9.33 -0.57
CA CYS B 28 -5.46 -8.36 -0.43
C CYS B 28 -6.11 -6.98 -0.40
N GLY B 29 -5.29 -6.00 -0.02
CA GLY B 29 -5.60 -4.61 -0.27
C GLY B 29 -5.07 -4.15 -1.62
N ALA B 30 -5.37 -2.89 -1.92
CA ALA B 30 -5.04 -2.25 -3.19
C ALA B 30 -5.39 -0.78 -3.04
N SER B 31 -5.07 0.02 -4.05
CA SER B 31 -5.39 1.44 -3.97
C SER B 31 -5.85 1.98 -5.31
N LEU B 32 -6.72 2.97 -5.27
CA LEU B 32 -7.26 3.61 -6.46
C LEU B 32 -6.36 4.77 -6.86
N ILE B 33 -5.79 4.72 -8.06
CA ILE B 33 -4.92 5.79 -8.54
C ILE B 33 -5.51 6.61 -9.70
N SER B 34 -6.67 6.23 -10.23
CA SER B 34 -7.42 7.04 -11.19
C SER B 34 -8.78 6.38 -11.29
N ASP B 35 -9.63 6.87 -12.19
CA ASP B 35 -10.96 6.27 -12.28
C ASP B 35 -10.98 4.85 -12.87
N ARG B 36 -9.87 4.36 -13.42
N ARG B 36 -9.87 4.38 -13.43
CA ARG B 36 -9.90 3.03 -14.01
CA ARG B 36 -9.86 3.07 -14.06
C ARG B 36 -8.65 2.22 -13.70
C ARG B 36 -8.71 2.18 -13.62
N TRP B 37 -7.81 2.68 -12.78
CA TRP B 37 -6.58 1.95 -12.46
C TRP B 37 -6.46 1.75 -10.96
N VAL B 38 -6.07 0.51 -10.59
CA VAL B 38 -5.90 0.09 -9.22
C VAL B 38 -4.49 -0.48 -9.09
N LEU B 39 -3.80 -0.08 -8.02
CA LEU B 39 -2.42 -0.50 -7.77
C LEU B 39 -2.42 -1.51 -6.62
N THR B 40 -1.63 -2.58 -6.76
CA THR B 40 -1.52 -3.58 -5.70
C THR B 40 -0.13 -4.21 -5.75
N ALA B 41 0.07 -5.21 -4.90
CA ALA B 41 1.33 -5.98 -4.92
C ALA B 41 1.22 -7.11 -5.92
N ALA B 42 2.31 -7.37 -6.65
CA ALA B 42 2.31 -8.49 -7.59
C ALA B 42 2.03 -9.81 -6.88
N HIS B 43 2.58 -10.00 -5.67
CA HIS B 43 2.47 -11.30 -5.01
C HIS B 43 1.05 -11.60 -4.55
N CYS B 44 0.17 -10.59 -4.54
CA CYS B 44 -1.25 -10.84 -4.31
C CYS B 44 -1.90 -11.61 -5.45
N LEU B 45 -1.35 -11.47 -6.65
CA LEU B 45 -1.90 -12.12 -7.84
C LEU B 45 -1.07 -13.30 -8.28
N LEU B 46 0.23 -13.31 -8.00
CA LEU B 46 1.12 -14.32 -8.58
C LEU B 46 2.17 -14.68 -7.54
N TYR B 47 2.10 -15.89 -7.02
CA TYR B 47 3.11 -16.41 -6.09
C TYR B 47 3.18 -17.92 -6.22
N PRO B 48 3.90 -18.41 -7.24
CA PRO B 48 3.93 -19.84 -7.52
C PRO B 48 4.38 -20.69 -6.35
N PRO B 49 5.29 -20.23 -5.49
CA PRO B 49 5.71 -21.13 -4.40
C PRO B 49 4.56 -21.57 -3.51
N TRP B 50 3.49 -20.77 -3.43
CA TRP B 50 2.29 -21.13 -2.71
C TRP B 50 1.11 -21.44 -3.64
N ASP B 51 1.40 -21.76 -4.89
CA ASP B 51 0.37 -22.15 -5.87
C ASP B 51 -0.68 -21.05 -6.08
N LYS B 52 -0.25 -19.80 -6.05
CA LYS B 52 -1.13 -18.63 -6.22
C LYS B 52 -0.90 -18.08 -7.63
N ASN B 53 -1.97 -18.02 -8.43
CA ASN B 53 -1.84 -17.48 -9.79
C ASN B 53 -3.23 -17.07 -10.24
N PHE B 54 -3.61 -15.85 -9.93
CA PHE B 54 -4.95 -15.37 -10.25
C PHE B 54 -4.99 -14.62 -11.59
N THR B 55 -6.12 -14.72 -12.25
CA THR B 55 -6.35 -14.01 -13.49
C THR B 55 -7.50 -13.04 -13.28
N GLU B 56 -7.77 -12.21 -14.30
CA GLU B 56 -8.71 -11.10 -14.15
C GLU B 56 -10.09 -11.57 -13.72
N ASN B 57 -10.52 -12.72 -14.23
CA ASN B 57 -11.88 -13.15 -13.96
C ASN B 57 -12.02 -13.88 -12.63
N ASP B 58 -10.92 -14.10 -11.89
CA ASP B 58 -11.01 -14.76 -10.59
C ASP B 58 -11.38 -13.81 -9.46
N LEU B 59 -11.32 -12.51 -9.69
CA LEU B 59 -11.36 -11.53 -8.63
C LEU B 59 -12.36 -10.44 -8.94
N LEU B 60 -12.80 -9.77 -7.90
N LEU B 60 -12.87 -9.86 -7.86
CA LEU B 60 -13.51 -8.53 -8.09
CA LEU B 60 -13.72 -8.69 -7.83
C LEU B 60 -13.00 -7.56 -7.07
C LEU B 60 -12.98 -7.63 -7.02
N VAL B 61 -13.10 -6.30 -7.39
N VAL B 61 -13.28 -6.36 -7.30
CA VAL B 61 -12.67 -5.28 -6.46
CA VAL B 61 -12.72 -5.25 -6.55
C VAL B 61 -13.88 -4.59 -5.88
C VAL B 61 -13.85 -4.46 -5.93
N ARG B 62 -13.71 -4.12 -4.66
CA ARG B 62 -14.76 -3.41 -3.94
C ARG B 62 -14.15 -2.10 -3.44
N ILE B 63 -14.78 -1.00 -3.79
CA ILE B 63 -14.24 0.33 -3.59
C ILE B 63 -15.21 1.13 -2.71
N GLY B 64 -14.67 2.00 -1.87
CA GLY B 64 -15.52 2.81 -1.01
C GLY B 64 -15.90 2.15 0.30
N LYS B 65 -15.27 1.01 0.66
CA LYS B 65 -15.73 0.24 1.81
C LYS B 65 -15.13 0.70 3.12
N HIS B 66 -15.85 0.35 4.18
CA HIS B 66 -15.40 0.57 5.54
C HIS B 66 -15.56 -0.75 6.30
N SER B 67 -16.79 -1.24 6.42
CA SER B 67 -17.00 -2.56 7.01
C SER B 67 -16.25 -3.63 6.22
N ARG B 68 -15.68 -4.60 6.94
CA ARG B 68 -15.03 -5.72 6.26
C ARG B 68 -16.04 -6.61 5.55
N THR B 69 -17.24 -6.75 6.12
CA THR B 69 -18.17 -7.78 5.68
C THR B 69 -19.54 -7.27 5.23
N ARG B 70 -20.01 -6.14 5.75
CA ARG B 70 -21.38 -5.74 5.45
C ARG B 70 -21.44 -5.11 4.07
N TYR B 71 -22.51 -5.41 3.34
CA TYR B 71 -22.79 -4.70 2.10
C TYR B 71 -23.17 -3.27 2.44
N GLU B 72 -22.46 -2.31 1.85
CA GLU B 72 -22.62 -0.91 2.21
C GLU B 72 -23.42 -0.21 1.10
N ARG B 73 -24.76 -0.24 1.29
CA ARG B 73 -25.71 0.25 0.30
C ARG B 73 -25.43 1.70 -0.01
N ASN B 74 -25.37 2.04 -1.30
CA ASN B 74 -25.22 3.43 -1.74
C ASN B 74 -23.87 4.02 -1.34
N ILE B 75 -22.90 3.19 -0.98
CA ILE B 75 -21.58 3.66 -0.57
C ILE B 75 -20.51 2.90 -1.37
N GLU B 76 -20.51 1.59 -1.26
CA GLU B 76 -19.49 0.81 -1.96
C GLU B 76 -19.86 0.64 -3.43
N LYS B 77 -18.83 0.41 -4.24
CA LYS B 77 -19.00 0.07 -5.65
C LYS B 77 -18.15 -1.14 -5.96
N ILE B 78 -18.72 -2.06 -6.71
CA ILE B 78 -18.01 -3.26 -7.15
C ILE B 78 -17.55 -3.06 -8.57
N SER B 79 -16.37 -3.60 -8.91
CA SER B 79 -15.81 -3.42 -10.24
CA SER B 79 -15.85 -3.43 -10.25
C SER B 79 -15.21 -4.73 -10.72
N MET B 80 -15.28 -4.97 -12.02
CA MET B 80 -14.60 -6.11 -12.59
C MET B 80 -13.31 -5.66 -13.25
N LEU B 81 -12.36 -6.58 -13.38
CA LEU B 81 -11.05 -6.28 -13.94
C LEU B 81 -11.04 -6.58 -15.43
N GLU B 82 -10.55 -5.63 -16.22
CA GLU B 82 -10.34 -5.88 -17.63
C GLU B 82 -9.01 -6.59 -17.87
N LYS B 83 -7.96 -6.16 -17.16
CA LYS B 83 -6.63 -6.71 -17.41
C LYS B 83 -5.77 -6.46 -16.18
N ILE B 84 -4.93 -7.45 -15.85
CA ILE B 84 -3.90 -7.35 -14.82
C ILE B 84 -2.56 -7.22 -15.53
N TYR B 85 -1.70 -6.34 -15.00
CA TYR B 85 -0.34 -6.14 -15.48
C TYR B 85 0.61 -6.34 -14.31
N ILE B 86 1.38 -7.40 -14.34
CA ILE B 86 2.36 -7.67 -13.29
C ILE B 86 3.72 -7.19 -13.80
N HIS B 87 4.50 -6.52 -12.95
CA HIS B 87 5.82 -6.06 -13.38
C HIS B 87 6.58 -7.21 -14.03
N PRO B 88 7.13 -7.04 -15.24
CA PRO B 88 7.80 -8.16 -15.90
C PRO B 88 9.05 -8.65 -15.20
N ARG B 89 9.63 -7.87 -14.29
CA ARG B 89 10.83 -8.29 -13.57
C ARG B 89 10.55 -8.52 -12.09
N TYR B 90 9.27 -8.67 -11.72
CA TYR B 90 8.90 -9.09 -10.38
C TYR B 90 9.56 -10.43 -10.03
N ASN B 91 10.25 -10.47 -8.89
CA ASN B 91 11.05 -11.63 -8.51
C ASN B 91 10.28 -12.44 -7.47
N TRP B 92 9.44 -13.36 -7.94
CA TRP B 92 8.75 -14.25 -7.02
C TRP B 92 9.62 -15.39 -6.55
N ARG B 93 10.68 -15.74 -7.30
CA ARG B 93 11.51 -16.87 -6.88
C ARG B 93 12.28 -16.59 -5.60
N GLU B 94 12.60 -15.32 -5.35
CA GLU B 94 13.48 -15.00 -4.22
C GLU B 94 12.80 -14.05 -3.24
N ASN B 95 12.91 -12.74 -3.47
CA ASN B 95 12.68 -11.75 -2.41
C ASN B 95 11.55 -10.78 -2.70
N LEU B 96 10.69 -11.04 -3.68
CA LEU B 96 9.61 -10.11 -4.01
C LEU B 96 10.14 -8.76 -4.51
N ASP B 97 11.34 -8.72 -5.09
CA ASP B 97 11.80 -7.50 -5.75
C ASP B 97 10.79 -7.07 -6.79
N ARG B 98 10.47 -5.77 -6.81
CA ARG B 98 9.49 -5.21 -7.77
C ARG B 98 8.10 -5.79 -7.56
N ASP B 99 7.63 -5.73 -6.30
CA ASP B 99 6.36 -6.35 -5.91
C ASP B 99 5.25 -5.34 -6.21
N ILE B 100 4.88 -5.28 -7.49
CA ILE B 100 3.96 -4.24 -7.98
C ILE B 100 3.15 -4.79 -9.14
N ALA B 101 1.87 -4.42 -9.17
CA ALA B 101 1.01 -4.80 -10.26
C ALA B 101 -0.08 -3.74 -10.41
N LEU B 102 -0.57 -3.58 -11.63
CA LEU B 102 -1.68 -2.68 -11.94
C LEU B 102 -2.85 -3.50 -12.44
N MET B 103 -4.04 -3.00 -12.16
CA MET B 103 -5.27 -3.68 -12.57
C MET B 103 -6.15 -2.63 -13.23
N LYS B 104 -6.58 -2.90 -14.47
CA LYS B 104 -7.44 -1.98 -15.19
C LYS B 104 -8.89 -2.39 -14.98
N LEU B 105 -9.73 -1.45 -14.52
CA LEU B 105 -11.14 -1.73 -14.34
C LEU B 105 -11.83 -1.71 -15.70
N LYS B 106 -12.82 -2.59 -15.88
CA LYS B 106 -13.56 -2.63 -17.14
C LYS B 106 -14.35 -1.35 -17.36
N LYS B 107 -14.96 -0.83 -16.31
CA LYS B 107 -15.72 0.41 -16.35
C LYS B 107 -15.14 1.37 -15.32
N PRO B 108 -15.04 2.65 -15.63
CA PRO B 108 -14.52 3.59 -14.62
C PRO B 108 -15.48 3.71 -13.44
N VAL B 109 -14.90 3.92 -12.27
CA VAL B 109 -15.71 4.05 -11.05
C VAL B 109 -16.04 5.52 -10.82
N ALA B 110 -17.26 5.79 -10.36
CA ALA B 110 -17.63 7.15 -10.02
C ALA B 110 -17.03 7.54 -8.67
N PHE B 111 -16.42 8.73 -8.62
CA PHE B 111 -15.91 9.21 -7.35
C PHE B 111 -17.06 9.73 -6.49
N SER B 112 -16.80 9.81 -5.19
CA SER B 112 -17.82 10.22 -4.21
C SER B 112 -17.10 10.67 -2.94
N ASP B 113 -17.87 10.91 -1.87
CA ASP B 113 -17.27 11.19 -0.59
C ASP B 113 -16.37 10.05 -0.10
N TYR B 114 -16.62 8.83 -0.58
CA TYR B 114 -15.99 7.61 -0.06
C TYR B 114 -15.02 6.99 -1.05
N ILE B 115 -14.93 7.54 -2.26
CA ILE B 115 -14.14 6.97 -3.35
C ILE B 115 -13.38 8.10 -4.03
N HIS B 116 -12.05 8.07 -3.96
CA HIS B 116 -11.29 9.18 -4.51
C HIS B 116 -9.85 8.70 -4.67
N PRO B 117 -9.15 9.05 -5.75
CA PRO B 117 -7.79 8.50 -5.97
C PRO B 117 -6.71 9.19 -5.15
N VAL B 118 -5.68 8.40 -4.84
CA VAL B 118 -4.48 8.92 -4.18
C VAL B 118 -3.48 9.38 -5.23
N CYS B 119 -2.57 10.27 -4.85
CA CYS B 119 -1.53 10.74 -5.78
C CYS B 119 -0.33 9.80 -5.76
N LEU B 120 0.39 9.76 -6.88
CA LEU B 120 1.71 9.16 -6.87
C LEU B 120 2.78 10.26 -6.81
N PRO B 121 3.91 9.97 -6.17
CA PRO B 121 4.87 11.04 -5.87
C PRO B 121 5.65 11.50 -7.10
N ASP B 122 5.87 12.81 -7.16
CA ASP B 122 6.87 13.40 -8.03
C ASP B 122 8.23 13.33 -7.33
N ARG B 123 9.28 13.80 -8.03
CA ARG B 123 10.65 13.66 -7.53
C ARG B 123 10.88 14.49 -6.26
N GLU B 124 10.38 15.72 -6.22
CA GLU B 124 10.57 16.56 -5.04
C GLU B 124 9.81 16.01 -3.84
N THR B 125 8.57 15.56 -4.05
CA THR B 125 7.79 14.98 -2.95
C THR B 125 8.53 13.77 -2.37
N ALA B 126 9.00 12.88 -3.24
CA ALA B 126 9.72 11.70 -2.78
C ALA B 126 10.98 12.10 -2.03
N ALA B 127 11.75 13.06 -2.56
CA ALA B 127 12.98 13.46 -1.90
C ALA B 127 12.69 14.09 -0.55
N SER B 128 11.61 14.87 -0.46
CA SER B 128 11.32 15.58 0.78
C SER B 128 10.75 14.68 1.86
N LEU B 129 10.07 13.59 1.49
CA LEU B 129 9.35 12.78 2.47
C LEU B 129 9.98 11.44 2.79
N LEU B 130 10.78 10.86 1.90
CA LEU B 130 11.29 9.51 2.15
C LEU B 130 12.56 9.55 3.00
N GLN B 131 12.38 9.95 4.24
CA GLN B 131 13.47 10.16 5.16
C GLN B 131 13.23 9.30 6.40
N ALA B 132 14.30 8.76 6.96
CA ALA B 132 14.15 7.93 8.15
C ALA B 132 13.52 8.75 9.27
N GLY B 133 12.58 8.12 9.98
CA GLY B 133 11.85 8.76 11.06
C GLY B 133 10.56 9.41 10.62
N TYR B 134 10.41 9.72 9.32
CA TYR B 134 9.19 10.33 8.82
C TYR B 134 8.13 9.24 8.72
N LYS B 135 6.90 9.58 9.15
CA LYS B 135 5.89 8.55 9.27
C LYS B 135 4.98 8.50 8.04
N GLY B 136 4.59 7.29 7.66
CA GLY B 136 3.53 7.07 6.71
C GLY B 136 2.40 6.32 7.36
N ARG B 137 1.34 6.11 6.61
CA ARG B 137 0.14 5.50 7.15
C ARG B 137 -0.21 4.26 6.33
N VAL B 138 -0.51 3.16 7.01
CA VAL B 138 -0.86 1.88 6.37
C VAL B 138 -2.29 1.55 6.78
N THR B 139 -3.07 1.06 5.84
CA THR B 139 -4.46 0.72 6.10
C THR B 139 -4.79 -0.65 5.52
N GLY B 140 -5.72 -1.35 6.15
CA GLY B 140 -6.18 -2.60 5.57
C GLY B 140 -7.12 -3.35 6.48
N TRP B 141 -7.66 -4.45 5.94
CA TRP B 141 -8.61 -5.34 6.63
C TRP B 141 -7.93 -6.63 7.06
N GLY B 142 -6.60 -6.65 7.10
CA GLY B 142 -5.88 -7.85 7.50
C GLY B 142 -5.99 -8.17 8.97
N ASN B 143 -5.32 -9.27 9.37
CA ASN B 143 -5.47 -9.79 10.72
C ASN B 143 -4.93 -8.83 11.78
N LEU B 144 -5.53 -8.92 12.96
CA LEU B 144 -5.20 -8.06 14.08
C LEU B 144 -4.02 -8.57 14.90
N LYS B 145 -3.61 -9.81 14.69
CA LYS B 145 -2.52 -10.41 15.45
C LYS B 145 -1.83 -11.42 14.54
N GLU B 146 -0.56 -11.71 14.83
CA GLU B 146 0.15 -12.73 14.08
C GLU B 146 -0.50 -14.10 14.22
N THR B 147 -0.99 -14.42 15.41
CA THR B 147 -1.57 -15.78 15.56
C THR B 147 -3.01 -15.71 16.03
N GLY B 155 -8.99 -13.65 14.05
CA GLY B 155 -8.69 -12.29 14.50
C GLY B 155 -8.81 -11.25 13.39
N GLN B 156 -9.99 -11.11 12.82
CA GLN B 156 -10.22 -10.19 11.72
C GLN B 156 -10.98 -8.97 12.21
N PRO B 157 -10.67 -7.79 11.69
CA PRO B 157 -11.35 -6.57 12.18
C PRO B 157 -12.73 -6.42 11.57
N SER B 158 -13.60 -5.71 12.30
N SER B 158 -13.62 -5.72 12.30
CA SER B 158 -14.93 -5.42 11.80
CA SER B 158 -14.94 -5.47 11.73
C SER B 158 -14.91 -4.36 10.70
C SER B 158 -14.94 -4.34 10.69
N VAL B 159 -14.00 -3.41 10.79
CA VAL B 159 -13.89 -2.30 9.86
C VAL B 159 -12.42 -2.06 9.52
N LEU B 160 -12.21 -1.27 8.48
CA LEU B 160 -10.87 -0.89 8.04
C LEU B 160 -10.02 -0.37 9.20
N GLN B 161 -8.76 -0.85 9.26
CA GLN B 161 -7.82 -0.43 10.29
C GLN B 161 -6.75 0.50 9.72
N VAL B 162 -6.15 1.32 10.60
CA VAL B 162 -5.11 2.27 10.20
C VAL B 162 -4.00 2.29 11.24
N VAL B 163 -2.75 2.43 10.80
CA VAL B 163 -1.63 2.63 11.72
C VAL B 163 -0.60 3.53 11.05
N ASN B 164 0.04 4.41 11.81
CA ASN B 164 1.09 5.28 11.32
C ASN B 164 2.44 4.71 11.77
N LEU B 165 3.40 4.62 10.85
CA LEU B 165 4.69 3.95 11.16
C LEU B 165 5.84 4.74 10.57
N PRO B 166 6.95 4.85 11.28
CA PRO B 166 8.11 5.61 10.74
C PRO B 166 8.94 4.79 9.77
N ILE B 167 9.44 5.47 8.73
CA ILE B 167 10.42 4.87 7.85
C ILE B 167 11.70 4.61 8.65
N VAL B 168 12.37 3.49 8.35
CA VAL B 168 13.55 3.06 9.10
C VAL B 168 14.79 3.17 8.22
N GLU B 169 15.92 3.52 8.85
CA GLU B 169 17.18 3.64 8.13
C GLU B 169 17.53 2.31 7.44
N ARG B 170 18.07 2.40 6.24
CA ARG B 170 18.31 1.20 5.45
C ARG B 170 19.27 0.20 6.10
N PRO B 171 20.35 0.61 6.79
CA PRO B 171 21.20 -0.40 7.42
C PRO B 171 20.49 -1.15 8.53
N VAL B 172 19.57 -0.50 9.24
CA VAL B 172 18.81 -1.17 10.28
C VAL B 172 17.82 -2.17 9.67
N CYS B 173 17.17 -1.79 8.56
CA CYS B 173 16.31 -2.72 7.81
C CYS B 173 17.11 -3.95 7.40
N LYS B 174 18.29 -3.74 6.83
CA LYS B 174 19.06 -4.86 6.32
C LYS B 174 19.53 -5.76 7.45
N ASP B 175 19.95 -5.18 8.58
CA ASP B 175 20.38 -5.99 9.71
C ASP B 175 19.25 -6.84 10.28
N SER B 176 18.00 -6.41 10.09
CA SER B 176 16.87 -7.05 10.73
C SER B 176 16.45 -8.35 10.06
N THR B 177 17.02 -8.70 8.89
CA THR B 177 16.44 -9.74 8.06
C THR B 177 17.56 -10.52 7.38
N ARG B 178 17.28 -11.78 7.07
CA ARG B 178 18.17 -12.64 6.30
C ARG B 178 17.98 -12.46 4.80
N ILE B 179 16.89 -11.84 4.42
CA ILE B 179 16.55 -11.62 3.01
C ILE B 179 17.41 -10.52 2.40
N ARG B 180 17.68 -10.67 1.11
CA ARG B 180 18.39 -9.64 0.34
C ARG B 180 17.46 -8.48 0.03
N ILE B 181 17.79 -7.29 0.53
CA ILE B 181 16.94 -6.10 0.39
C ILE B 181 17.45 -5.26 -0.78
N THR B 182 16.56 -4.93 -1.70
CA THR B 182 16.94 -4.18 -2.89
C THR B 182 16.51 -2.72 -2.76
N ASP B 183 16.97 -1.91 -3.71
CA ASP B 183 16.58 -0.50 -3.80
C ASP B 183 15.11 -0.30 -4.12
N ASN B 184 14.41 -1.34 -4.52
CA ASN B 184 12.96 -1.25 -4.76
C ASN B 184 12.12 -1.52 -3.52
N MET B 185 12.73 -1.57 -2.34
CA MET B 185 12.06 -1.82 -1.07
C MET B 185 12.52 -0.76 -0.08
N PHE B 186 11.63 -0.44 0.85
CA PHE B 186 12.03 0.25 2.06
C PHE B 186 11.34 -0.44 3.22
N CYS B 187 11.77 -0.15 4.44
CA CYS B 187 11.10 -0.74 5.60
C CYS B 187 10.61 0.33 6.56
N ALA B 188 9.60 -0.04 7.35
CA ALA B 188 8.99 0.89 8.29
C ALA B 188 8.53 0.13 9.50
N GLY B 189 8.44 0.84 10.62
CA GLY B 189 8.02 0.28 11.88
C GLY B 189 8.85 0.88 13.00
N TYR B 190 8.35 0.73 14.23
CA TYR B 190 9.07 1.24 15.39
C TYR B 190 10.16 0.26 15.81
N LYS B 191 11.24 0.82 16.36
CA LYS B 191 12.30 0.00 16.93
C LYS B 191 11.90 -0.46 18.32
N PRO B 192 12.53 -1.54 18.82
CA PRO B 192 12.23 -1.98 20.19
C PRO B 192 12.32 -0.87 21.24
N ASP B 193 13.34 -0.01 21.15
CA ASP B 193 13.54 1.01 22.18
C ASP B 193 12.49 2.12 22.12
N GLU B 194 11.72 2.21 21.04
CA GLU B 194 10.83 3.36 20.85
C GLU B 194 9.50 3.22 21.57
N GLY B 195 9.17 2.04 22.10
CA GLY B 195 7.95 1.91 22.85
C GLY B 195 6.71 1.59 22.01
N LYS B 196 6.37 2.47 21.06
CA LYS B 196 5.18 2.29 20.26
C LYS B 196 5.32 1.06 19.37
N ARG B 197 4.18 0.55 18.90
CA ARG B 197 4.12 -0.69 18.13
C ARG B 197 3.26 -0.45 16.89
N GLY B 198 3.15 -1.49 16.07
CA GLY B 198 2.27 -1.47 14.90
C GLY B 198 2.92 -2.12 13.70
N ASP B 199 2.09 -2.76 12.87
CA ASP B 199 2.60 -3.42 11.68
C ASP B 199 1.43 -3.80 10.80
N ALA B 200 1.74 -4.03 9.52
CA ALA B 200 0.81 -4.75 8.65
C ALA B 200 0.82 -6.24 9.02
N CYS B 201 -0.21 -6.96 8.56
CA CYS B 201 -0.29 -8.39 8.82
C CYS B 201 -0.96 -9.08 7.64
N GLU B 202 -1.19 -10.40 7.75
CA GLU B 202 -1.74 -11.13 6.61
C GLU B 202 -3.09 -10.53 6.21
N GLY B 203 -3.28 -10.32 4.92
CA GLY B 203 -4.48 -9.70 4.41
C GLY B 203 -4.32 -8.23 4.11
N ASP B 204 -3.27 -7.61 4.66
CA ASP B 204 -2.99 -6.21 4.38
C ASP B 204 -2.14 -6.03 3.14
N SER B 205 -1.47 -7.10 2.68
CA SER B 205 -0.64 -7.02 1.50
C SER B 205 -1.33 -6.31 0.36
N GLY B 206 -0.55 -5.54 -0.38
CA GLY B 206 -1.06 -4.86 -1.57
C GLY B 206 -1.68 -3.51 -1.27
N GLY B 207 -2.00 -3.22 0.00
CA GLY B 207 -2.56 -1.92 0.34
C GLY B 207 -1.49 -0.85 0.38
N PRO B 208 -1.92 0.39 0.56
CA PRO B 208 -1.03 1.54 0.40
C PRO B 208 -0.35 1.97 1.70
N PHE B 209 0.88 2.49 1.55
CA PHE B 209 1.61 3.25 2.58
C PHE B 209 1.61 4.69 2.06
N VAL B 210 0.89 5.57 2.75
CA VAL B 210 0.71 6.93 2.22
C VAL B 210 1.32 7.95 3.18
N MET B 211 1.68 9.11 2.61
CA MET B 211 2.21 10.21 3.38
C MET B 211 1.52 11.48 2.92
N LYS B 212 1.29 12.42 3.85
CA LYS B 212 0.58 13.67 3.54
C LYS B 212 1.60 14.80 3.31
N SER B 213 1.65 15.33 2.11
CA SER B 213 2.65 16.35 1.83
C SER B 213 2.38 17.64 2.59
N PRO B 214 3.32 18.15 3.40
CA PRO B 214 3.12 19.45 4.05
C PRO B 214 3.28 20.62 3.10
N PHE B 215 3.64 20.36 1.85
CA PHE B 215 3.76 21.42 0.85
C PHE B 215 2.46 21.71 0.12
N ASN B 216 1.70 20.67 -0.25
CA ASN B 216 0.49 20.94 -1.02
C ASN B 216 -0.75 20.27 -0.44
N ASN B 217 -0.64 19.66 0.75
CA ASN B 217 -1.78 19.14 1.50
C ASN B 217 -2.35 17.84 0.93
N ARG B 218 -1.69 17.25 -0.05
CA ARG B 218 -2.20 16.05 -0.72
C ARG B 218 -1.56 14.78 -0.15
N TRP B 219 -2.34 13.70 -0.22
CA TRP B 219 -1.84 12.38 0.18
C TRP B 219 -1.19 11.71 -1.01
N TYR B 220 -0.01 11.12 -0.78
CA TYR B 220 0.79 10.47 -1.80
C TYR B 220 1.04 9.02 -1.39
N GLN B 221 0.93 8.10 -2.34
CA GLN B 221 1.25 6.70 -2.05
C GLN B 221 2.74 6.45 -2.27
N MET B 222 3.49 6.30 -1.19
CA MET B 222 4.93 6.05 -1.29
C MET B 222 5.29 4.57 -1.28
N GLY B 223 4.42 3.71 -0.74
CA GLY B 223 4.74 2.31 -0.64
C GLY B 223 3.53 1.44 -0.91
N ILE B 224 3.82 0.14 -1.12
CA ILE B 224 2.81 -0.91 -1.17
C ILE B 224 3.20 -1.94 -0.11
N VAL B 225 2.22 -2.36 0.69
CA VAL B 225 2.51 -3.39 1.69
C VAL B 225 2.99 -4.65 0.98
N SER B 226 4.23 -5.06 1.24
CA SER B 226 4.85 -6.16 0.49
C SER B 226 5.04 -7.41 1.35
N TRP B 227 5.92 -7.40 2.34
CA TRP B 227 6.16 -8.63 3.10
C TRP B 227 6.73 -8.26 4.46
N GLY B 228 6.65 -9.22 5.39
CA GLY B 228 7.24 -9.08 6.71
C GLY B 228 7.60 -10.45 7.23
N GLU B 229 8.09 -10.47 8.45
CA GLU B 229 8.44 -11.70 9.14
C GLU B 229 7.62 -11.73 10.44
N GLY B 230 6.61 -12.59 10.51
CA GLY B 230 5.64 -12.44 11.58
C GLY B 230 4.88 -11.13 11.42
N CYS B 231 4.25 -10.69 12.51
CA CYS B 231 3.57 -9.39 12.53
C CYS B 231 3.85 -8.72 13.86
N ASP B 232 4.34 -7.47 13.80
CA ASP B 232 4.61 -6.67 14.98
C ASP B 232 5.62 -7.34 15.92
N ARG B 233 6.62 -8.02 15.36
CA ARG B 233 7.66 -8.59 16.21
C ARG B 233 8.73 -7.55 16.53
N ASP B 234 9.22 -7.58 17.77
CA ASP B 234 10.35 -6.72 18.15
C ASP B 234 11.55 -7.01 17.24
N GLY B 235 12.14 -5.96 16.68
CA GLY B 235 13.37 -6.12 15.91
C GLY B 235 13.14 -6.55 14.47
N LYS B 236 11.87 -6.70 14.06
CA LYS B 236 11.49 -6.93 12.67
C LYS B 236 10.71 -5.72 12.18
N TYR B 237 10.71 -5.54 10.86
CA TYR B 237 10.09 -4.38 10.23
C TYR B 237 9.30 -4.87 9.03
N GLY B 238 8.26 -4.13 8.66
CA GLY B 238 7.57 -4.43 7.41
C GLY B 238 8.33 -3.85 6.23
N PHE B 239 8.28 -4.58 5.11
CA PHE B 239 8.88 -4.11 3.87
C PHE B 239 7.78 -3.68 2.91
N TYR B 240 8.10 -2.61 2.16
CA TYR B 240 7.13 -1.92 1.30
C TYR B 240 7.80 -1.70 -0.05
N THR B 241 7.02 -1.88 -1.13
CA THR B 241 7.52 -1.58 -2.46
C THR B 241 7.73 -0.08 -2.59
N HIS B 242 8.87 0.30 -3.15
CA HIS B 242 9.28 1.71 -3.34
C HIS B 242 8.60 2.25 -4.61
N VAL B 243 7.40 2.83 -4.44
CA VAL B 243 6.58 3.20 -5.60
C VAL B 243 7.31 4.18 -6.50
N PHE B 244 7.91 5.23 -5.93
CA PHE B 244 8.56 6.22 -6.79
C PHE B 244 9.59 5.57 -7.72
N ARG B 245 10.37 4.61 -7.19
CA ARG B 245 11.42 4.02 -8.01
C ARG B 245 10.86 3.22 -9.17
N LEU B 246 9.62 2.75 -9.07
CA LEU B 246 8.97 2.01 -10.14
C LEU B 246 7.96 2.86 -10.92
N LYS B 247 7.98 4.18 -10.73
CA LYS B 247 6.90 5.01 -11.28
C LYS B 247 6.97 5.12 -12.80
N LYS B 248 8.15 5.00 -13.39
CA LYS B 248 8.21 5.01 -14.85
C LYS B 248 7.54 3.78 -15.46
N TRP B 249 7.64 2.63 -14.78
CA TRP B 249 6.88 1.46 -15.25
C TRP B 249 5.37 1.71 -15.15
N ILE B 250 4.90 2.25 -14.02
CA ILE B 250 3.47 2.52 -13.84
C ILE B 250 2.98 3.41 -14.97
N GLN B 251 3.72 4.47 -15.26
CA GLN B 251 3.31 5.41 -16.30
C GLN B 251 3.35 4.76 -17.67
N LYS B 252 4.36 3.95 -17.94
CA LYS B 252 4.43 3.24 -19.21
C LYS B 252 3.20 2.38 -19.43
N VAL B 253 2.76 1.65 -18.41
CA VAL B 253 1.58 0.80 -18.54
C VAL B 253 0.33 1.63 -18.77
N ILE B 254 0.14 2.67 -17.97
CA ILE B 254 -1.05 3.49 -18.13
C ILE B 254 -1.05 4.22 -19.47
N ASP B 255 0.12 4.70 -19.92
CA ASP B 255 0.17 5.43 -21.20
C ASP B 255 -0.08 4.51 -22.39
N GLN B 256 0.47 3.31 -22.35
CA GLN B 256 0.35 2.40 -23.48
C GLN B 256 -0.98 1.67 -23.51
N PHE B 257 -1.61 1.49 -22.34
CA PHE B 257 -2.80 0.65 -22.24
C PHE B 257 -4.03 1.31 -21.63
N GLY B 258 -3.94 2.57 -21.20
CA GLY B 258 -5.06 3.23 -20.55
C GLY B 258 -6.03 3.81 -21.57
N GLY C 22 15.95 11.98 8.85
CA GLY C 22 16.85 12.75 7.99
C GLY C 22 17.54 11.94 6.91
N GLU C 23 18.17 10.83 7.31
CA GLU C 23 18.87 9.97 6.36
C GLU C 23 17.89 9.42 5.33
N PRO C 24 18.28 9.25 4.07
CA PRO C 24 17.33 8.78 3.06
C PRO C 24 16.87 7.36 3.36
N GLY C 25 15.55 7.16 3.37
CA GLY C 25 15.01 5.84 3.59
C GLY C 25 14.98 4.96 2.35
N ALA C 26 15.14 5.57 1.18
CA ALA C 26 15.04 4.86 -0.09
C ALA C 26 15.62 5.76 -1.16
N PRO C 27 16.24 5.21 -2.18
CA PRO C 27 16.96 6.06 -3.13
C PRO C 27 16.01 6.80 -4.08
N ILE C 28 16.38 8.04 -4.41
CA ILE C 28 15.59 8.86 -5.35
C ILE C 28 16.19 8.62 -6.72
N ASP C 29 15.76 7.54 -7.35
CA ASP C 29 16.17 7.22 -8.71
C ASP C 29 15.17 6.23 -9.28
N TYS C 30 15.45 5.69 -10.45
CA TYS C 30 14.49 4.86 -11.13
CB TYS C 30 14.15 5.54 -12.46
CG TYS C 30 13.27 6.75 -12.22
CD1 TYS C 30 12.11 6.61 -11.45
CD2 TYS C 30 13.59 8.00 -12.73
CE1 TYS C 30 11.29 7.71 -11.22
CE2 TYS C 30 12.76 9.09 -12.53
CZ TYS C 30 11.61 8.95 -11.75
OH TYS C 30 10.75 9.99 -11.51
S TYS C 30 10.79 11.34 -12.23
O1 TYS C 30 10.60 11.08 -13.62
O2 TYS C 30 12.27 12.02 -12.05
O3 TYS C 30 9.72 12.16 -11.74
C TYS C 30 15.04 3.48 -11.37
O TYS C 30 16.25 3.34 -11.63
N ASP C 31 14.18 2.47 -11.26
CA ASP C 31 14.57 1.07 -11.53
C ASP C 31 14.93 0.93 -13.01
N GLU C 32 16.03 0.26 -13.32
CA GLU C 32 16.42 0.18 -14.73
C GLU C 32 16.70 -1.26 -15.17
N TYS C 33 16.75 -1.48 -16.47
CA TYS C 33 17.19 -2.75 -17.02
CB TYS C 33 16.80 -2.90 -18.49
CG TYS C 33 15.30 -2.99 -18.63
CD1 TYS C 33 14.67 -4.22 -18.62
CD2 TYS C 33 14.54 -1.82 -18.76
CE1 TYS C 33 13.28 -4.30 -18.75
CE2 TYS C 33 13.16 -1.90 -18.89
CZ TYS C 33 12.53 -3.13 -18.88
OH TYS C 33 11.15 -3.22 -19.01
S TYS C 33 10.20 -2.70 -17.91
O1 TYS C 33 10.76 -3.06 -16.64
O2 TYS C 33 8.73 -3.37 -18.14
O3 TYS C 33 10.05 -1.28 -17.99
C TYS C 33 18.70 -2.78 -16.94
O TYS C 33 19.32 -1.71 -16.81
N GLY C 34 19.30 -3.97 -17.00
CA GLY C 34 20.74 -4.08 -16.92
C GLY C 34 21.24 -4.01 -15.49
N GLY C 41 22.11 -14.61 -5.90
CA GLY C 41 20.73 -14.58 -5.42
C GLY C 41 20.62 -14.34 -3.93
N GLY C 42 19.91 -15.23 -3.25
CA GLY C 42 19.70 -15.12 -1.82
C GLY C 42 18.61 -16.08 -1.41
N THR C 43 18.24 -16.01 -0.14
CA THR C 43 17.28 -16.96 0.43
C THR C 43 15.87 -16.58 -0.01
N PRO C 44 15.07 -17.52 -0.47
CA PRO C 44 13.67 -17.18 -0.81
C PRO C 44 12.83 -16.90 0.43
N LEU C 45 11.88 -15.94 0.28
CA LEU C 45 11.00 -15.58 1.39
C LEU C 45 10.28 -16.79 1.97
N HIS C 46 9.85 -17.73 1.11
CA HIS C 46 9.02 -18.84 1.58
C HIS C 46 9.76 -19.80 2.50
N GLU C 47 11.10 -19.70 2.61
CA GLU C 47 11.85 -20.56 3.52
C GLU C 47 11.93 -20.03 4.94
N ILE C 48 11.51 -18.79 5.17
CA ILE C 48 11.66 -18.14 6.48
C ILE C 48 10.45 -18.54 7.32
N PRO C 49 10.62 -19.12 8.50
CA PRO C 49 9.44 -19.48 9.33
C PRO C 49 8.62 -18.23 9.66
N GLY C 50 7.30 -18.34 9.54
CA GLY C 50 6.43 -17.24 9.89
C GLY C 50 6.41 -16.08 8.92
N ILE C 51 6.99 -16.24 7.73
CA ILE C 51 6.99 -15.14 6.76
C ILE C 51 5.57 -14.68 6.52
N ARG C 52 5.41 -13.37 6.41
CA ARG C 52 4.09 -12.76 6.23
C ARG C 52 4.07 -12.24 4.80
N MLE C 53 3.24 -12.84 3.95
CN MLE C 53 2.33 -13.93 4.26
CA MLE C 53 3.07 -12.32 2.62
CB MLE C 53 3.32 -13.30 1.48
CG MLE C 53 4.68 -13.98 1.58
CD1 MLE C 53 4.88 -14.91 0.41
CD2 MLE C 53 5.82 -12.99 1.66
C MLE C 53 1.60 -11.76 2.48
O MLE C 53 1.04 -11.79 1.37
OXT MLE C 53 1.05 -11.31 3.52
C1 NAG D . 0.15 -18.35 -14.29
C2 NAG D . 1.50 -19.00 -14.75
C3 NAG D . 1.60 -19.06 -16.28
C4 NAG D . 0.33 -19.59 -16.92
C5 NAG D . -0.82 -18.72 -16.46
C6 NAG D . -2.15 -19.12 -17.06
C7 NAG D . 3.55 -18.78 -13.42
C8 NAG D . 4.66 -17.85 -13.01
N2 NAG D . 2.62 -18.26 -14.22
O3 NAG D . 2.69 -19.91 -16.65
O4 NAG D . 0.43 -19.54 -18.35
O5 NAG D . -0.95 -18.88 -15.04
O6 NAG D . -2.72 -20.22 -16.37
O7 NAG D . 3.51 -19.94 -13.02
NA NA E . 8.56 -4.71 14.72
C1 GOL F . -4.58 21.15 6.73
O1 GOL F . -3.46 20.41 6.33
C2 GOL F . -5.78 20.16 6.86
O2 GOL F . -6.06 19.54 5.64
C3 GOL F . -6.96 21.01 7.38
O3 GOL F . -7.41 21.80 6.31
#